data_6N1B
#
_entry.id   6N1B
#
_cell.length_a   51.710
_cell.length_b   69.240
_cell.length_c   104.810
_cell.angle_alpha   90.000
_cell.angle_beta   90.000
_cell.angle_gamma   90.000
#
_symmetry.space_group_name_H-M   'P 21 21 21'
#
loop_
_entity.id
_entity.type
_entity.pdbx_description
1 polymer 'Carbohydrate-binding protein'
2 branched alpha-L-fucopyranose-(1-2)-[alpha-D-galactopyranose-(1-3)]beta-D-galactopyranose
3 non-polymer 'CALCIUM ION'
4 non-polymer GLYCEROL
5 water water
#
_entity_poly.entity_id   1
_entity_poly.type   'polypeptide(L)'
_entity_poly.pdbx_seq_one_letter_code
;MGSSHHHHHHSSGLVPRGSHMADSSESALNKAPGYQDFPAYYSDSAHADDQVTHPDVVVLEEPWNGYRYWAVYTPNVMRI
SIYENPSIVASSDGVHWVEPEGLSNPIEPQPPSTRYHNCDADMVYNAEYDAMMAYWNWADDQGGGVGAEVRLRISYDGVH
WGVPVTYDEMTRVWSKPTSDAERQVADGEDDFITAIASPDRYDMLSPTIVYDDFRDVFILWANNTGDVGYQNGQANFVEM
RYSDDGITWGEPVRVNGFLGLDENGQQLAPWHQDVQYVPDLKEFVCISQCFAGRNPDGSVLHLTTSKDGVNWEQVGTKPL
LSPGPDGSWDDFQIYRSSFYYEPGSSAGDGTMRVWYSALQKDTNNKMVADSSGNLTIQAKSEDDRIWRIGYAENSFVEMM
RVLLDDPGYTTPALVSGNSLMLSAETTSLPTGDVMKLETSFAPVDTSDQVVKYTSSDPDVATVDEFGTITGVSVGSARIM
AETREGLSDDLEIAVVENPYTLI
;
_entity_poly.pdbx_strand_id   A
#
# COMPACT_ATOMS: atom_id res chain seq x y z
N SER A 27 2.23 22.91 -7.68
CA SER A 27 2.27 21.60 -6.89
C SER A 27 2.28 20.40 -7.77
N ALA A 28 3.16 19.39 -7.47
CA ALA A 28 3.18 18.19 -8.32
C ALA A 28 1.88 17.44 -8.31
N LEU A 29 1.23 17.33 -7.14
CA LEU A 29 -0.13 16.84 -7.02
C LEU A 29 -0.96 17.84 -6.26
N ASN A 30 -2.27 17.88 -6.60
CA ASN A 30 -3.22 18.73 -5.88
C ASN A 30 -3.94 17.90 -4.85
N LYS A 31 -3.72 18.18 -3.58
CA LYS A 31 -4.42 17.43 -2.49
C LYS A 31 -5.87 17.85 -2.43
N ALA A 32 -6.71 16.83 -2.32
CA ALA A 32 -8.12 17.07 -2.09
C ALA A 32 -8.31 17.54 -0.67
N PRO A 33 -9.25 18.49 -0.43
CA PRO A 33 -9.53 18.90 0.96
C PRO A 33 -9.97 17.74 1.85
N GLY A 34 -9.63 17.83 3.11
CA GLY A 34 -10.07 16.78 4.06
C GLY A 34 -9.38 15.43 3.73
N TYR A 35 -10.07 14.36 4.03
CA TYR A 35 -9.54 13.04 3.78
C TYR A 35 -10.68 12.09 3.50
N GLN A 36 -10.42 10.77 3.34
CA GLN A 36 -11.48 9.84 2.98
C GLN A 36 -11.82 9.03 4.16
N ASP A 37 -13.12 8.70 4.31
CA ASP A 37 -13.57 7.89 5.46
C ASP A 37 -13.38 6.40 5.21
N PHE A 38 -12.50 5.78 5.92
CA PHE A 38 -12.33 4.35 5.95
C PHE A 38 -12.74 3.82 7.33
N PRO A 39 -13.53 2.77 7.41
CA PRO A 39 -13.93 2.24 8.70
C PRO A 39 -12.82 1.42 9.32
N ALA A 40 -12.59 1.56 10.58
CA ALA A 40 -11.73 0.69 11.30
C ALA A 40 -12.51 -0.06 12.38
N TYR A 41 -12.19 -1.35 12.54
CA TYR A 41 -13.02 -2.23 13.42
C TYR A 41 -12.82 -1.95 14.89
N TYR A 42 -11.67 -1.42 15.27
CA TYR A 42 -11.27 -1.36 16.65
C TYR A 42 -12.09 -0.38 17.48
N SER A 43 -12.15 -0.65 18.80
CA SER A 43 -12.67 0.32 19.74
C SER A 43 -11.77 0.33 20.94
N ASP A 44 -11.14 1.47 21.21
CA ASP A 44 -10.09 1.57 22.19
C ASP A 44 -10.23 3.03 22.75
N SER A 45 -10.61 3.11 24.02
CA SER A 45 -10.90 4.38 24.65
C SER A 45 -9.82 5.41 24.61
N ALA A 46 -8.60 4.94 24.48
CA ALA A 46 -7.43 5.83 24.45
C ALA A 46 -7.02 6.33 23.06
N HIS A 47 -7.86 5.99 22.05
CA HIS A 47 -7.60 6.37 20.65
C HIS A 47 -8.80 6.73 19.89
N ALA A 48 -8.69 7.80 19.11
CA ALA A 48 -9.82 8.17 18.21
C ALA A 48 -10.09 7.05 17.21
N ASP A 49 -11.34 6.88 16.86
CA ASP A 49 -11.79 5.84 15.95
C ASP A 49 -11.25 6.07 14.54
N ASP A 50 -11.32 4.97 13.73
CA ASP A 50 -11.22 5.06 12.30
C ASP A 50 -9.86 5.61 11.78
N GLN A 51 -8.80 5.41 12.60
CA GLN A 51 -7.46 5.71 12.15
C GLN A 51 -6.94 4.54 11.24
N VAL A 52 -6.32 4.95 10.13
CA VAL A 52 -6.06 4.02 9.07
C VAL A 52 -4.79 4.49 8.33
N THR A 53 -4.11 3.47 7.68
CA THR A 53 -2.91 3.75 6.89
C THR A 53 -2.75 2.75 5.79
N HIS A 54 -1.77 3.09 4.95
CA HIS A 54 -1.30 2.14 3.94
C HIS A 54 -2.41 1.52 3.07
N PRO A 55 -3.13 2.40 2.34
CA PRO A 55 -4.09 1.89 1.43
C PRO A 55 -3.39 1.18 0.27
N ASP A 56 -4.16 0.29 -0.39
CA ASP A 56 -3.82 -0.19 -1.73
C ASP A 56 -5.11 -0.33 -2.56
N VAL A 57 -5.16 0.46 -3.63
CA VAL A 57 -6.40 0.53 -4.36
C VAL A 57 -6.27 -0.18 -5.70
N VAL A 58 -7.31 -0.92 -6.09
CA VAL A 58 -7.44 -1.55 -7.39
C VAL A 58 -8.58 -0.85 -8.14
N VAL A 59 -8.24 -0.30 -9.30
CA VAL A 59 -9.23 0.35 -10.17
C VAL A 59 -9.45 -0.49 -11.40
N LEU A 60 -10.67 -0.90 -11.69
CA LEU A 60 -11.00 -1.76 -12.80
C LEU A 60 -11.85 -1.01 -13.83
N GLU A 61 -11.78 -1.55 -15.06
CA GLU A 61 -12.48 -1.09 -16.18
C GLU A 61 -14.00 -1.37 -16.12
N GLU A 62 -14.27 -2.49 -15.52
CA GLU A 62 -15.63 -3.04 -15.38
C GLU A 62 -15.78 -3.52 -13.97
N PRO A 63 -16.98 -3.41 -13.41
CA PRO A 63 -17.20 -3.82 -12.00
C PRO A 63 -16.92 -5.28 -11.70
N TRP A 64 -16.37 -5.48 -10.51
CA TRP A 64 -16.13 -6.79 -9.96
C TRP A 64 -16.94 -6.89 -8.68
N ASN A 65 -17.87 -7.84 -8.63
CA ASN A 65 -18.81 -7.99 -7.49
C ASN A 65 -19.43 -6.62 -7.13
N GLY A 66 -19.87 -5.93 -8.17
CA GLY A 66 -20.63 -4.71 -8.01
C GLY A 66 -19.90 -3.40 -8.02
N TYR A 67 -18.58 -3.42 -7.97
CA TYR A 67 -17.82 -2.17 -7.81
C TYR A 67 -16.56 -2.13 -8.70
N ARG A 68 -16.23 -1.00 -9.23
CA ARG A 68 -15.03 -0.84 -10.03
C ARG A 68 -13.81 -0.51 -9.15
N TYR A 69 -13.99 -0.08 -7.89
CA TYR A 69 -12.86 0.24 -6.99
C TYR A 69 -12.92 -0.69 -5.82
N TRP A 70 -11.75 -1.29 -5.51
CA TRP A 70 -11.56 -2.18 -4.34
C TRP A 70 -10.33 -1.71 -3.61
N ALA A 71 -10.34 -1.65 -2.28
CA ALA A 71 -9.17 -1.25 -1.56
C ALA A 71 -8.95 -2.21 -0.40
N VAL A 72 -7.66 -2.48 -0.14
CA VAL A 72 -7.24 -3.09 1.14
C VAL A 72 -6.47 -2.03 1.93
N TYR A 73 -6.54 -2.09 3.24
CA TYR A 73 -5.88 -1.10 4.06
C TYR A 73 -5.75 -1.71 5.46
N THR A 74 -5.05 -0.97 6.35
CA THR A 74 -4.96 -1.44 7.78
C THR A 74 -5.27 -0.27 8.69
N PRO A 75 -6.18 -0.47 9.63
CA PRO A 75 -6.22 0.42 10.74
C PRO A 75 -4.90 0.56 11.39
N ASN A 76 -4.63 1.68 12.09
CA ASN A 76 -3.45 1.77 12.95
C ASN A 76 -3.63 2.90 13.94
N VAL A 77 -3.01 2.76 15.11
CA VAL A 77 -2.90 3.82 16.12
C VAL A 77 -1.48 3.83 16.67
N MET A 78 -1.09 4.90 17.29
CA MET A 78 0.17 4.92 18.03
C MET A 78 0.12 4.01 19.23
N ARG A 79 1.34 3.47 19.53
CA ARG A 79 1.64 2.74 20.73
C ARG A 79 1.33 1.24 20.71
N ILE A 80 0.39 0.85 19.88
CA ILE A 80 -0.07 -0.54 19.78
C ILE A 80 -0.38 -0.88 18.38
N SER A 81 0.26 -1.98 17.90
CA SER A 81 0.10 -2.40 16.51
CA SER A 81 0.10 -2.40 16.48
C SER A 81 -0.90 -3.51 16.28
N ILE A 82 -1.61 -3.90 17.35
CA ILE A 82 -2.45 -5.04 17.32
C ILE A 82 -3.68 -4.96 16.47
N TYR A 83 -4.06 -3.69 16.13
CA TYR A 83 -5.25 -3.39 15.29
C TYR A 83 -4.93 -3.31 13.84
N GLU A 84 -3.67 -3.50 13.45
CA GLU A 84 -3.16 -3.21 12.11
C GLU A 84 -3.46 -4.35 11.13
N ASN A 85 -4.75 -4.66 10.97
CA ASN A 85 -5.12 -5.93 10.33
C ASN A 85 -5.80 -5.68 9.04
N PRO A 86 -5.34 -6.31 7.95
CA PRO A 86 -5.94 -6.12 6.60
C PRO A 86 -7.47 -6.11 6.61
N SER A 87 -8.01 -5.07 5.99
CA SER A 87 -9.42 -4.76 5.91
C SER A 87 -9.74 -4.39 4.45
N ILE A 88 -11.00 -4.64 4.05
CA ILE A 88 -11.43 -4.40 2.66
C ILE A 88 -12.62 -3.42 2.63
N VAL A 89 -12.56 -2.52 1.64
CA VAL A 89 -13.72 -1.72 1.28
C VAL A 89 -13.81 -1.73 -0.26
N ALA A 90 -14.95 -1.27 -0.79
CA ALA A 90 -15.24 -1.10 -2.17
C ALA A 90 -15.93 0.25 -2.43
N SER A 91 -15.90 0.72 -3.69
CA SER A 91 -16.47 1.98 -4.01
C SER A 91 -16.87 2.00 -5.45
N SER A 92 -17.84 2.86 -5.77
CA SER A 92 -18.16 3.21 -7.12
C SER A 92 -17.44 4.45 -7.70
N ASP A 93 -16.72 5.16 -6.83
CA ASP A 93 -16.13 6.42 -7.21
C ASP A 93 -14.67 6.68 -6.74
N GLY A 94 -14.12 5.81 -5.91
CA GLY A 94 -12.82 6.12 -5.34
C GLY A 94 -12.77 7.14 -4.25
N VAL A 95 -13.94 7.48 -3.68
CA VAL A 95 -14.08 8.46 -2.69
C VAL A 95 -14.86 8.00 -1.48
N HIS A 96 -16.04 7.47 -1.77
CA HIS A 96 -16.94 6.99 -0.74
C HIS A 96 -16.82 5.49 -0.68
N TRP A 97 -16.32 4.95 0.39
CA TRP A 97 -15.98 3.54 0.50
C TRP A 97 -17.02 2.87 1.40
N VAL A 98 -17.37 1.64 1.08
CA VAL A 98 -18.29 0.86 1.87
C VAL A 98 -17.75 -0.56 2.12
N GLU A 99 -18.20 -1.19 3.16
CA GLU A 99 -17.90 -2.59 3.39
C GLU A 99 -18.93 -3.40 2.61
N PRO A 100 -18.52 -4.26 1.68
CA PRO A 100 -19.51 -5.04 0.95
C PRO A 100 -20.46 -5.82 1.89
N GLU A 101 -21.68 -6.02 1.46
CA GLU A 101 -22.68 -6.70 2.29
C GLU A 101 -22.20 -8.11 2.55
N GLY A 102 -22.19 -8.45 3.80
CA GLY A 102 -21.72 -9.73 4.29
C GLY A 102 -20.27 -9.79 4.72
N LEU A 103 -19.47 -8.77 4.36
CA LEU A 103 -18.03 -8.81 4.74
C LEU A 103 -17.85 -8.40 6.18
N SER A 104 -17.01 -9.14 6.90
CA SER A 104 -16.57 -8.84 8.25
C SER A 104 -15.13 -8.47 8.32
N ASN A 105 -14.83 -7.18 8.57
CA ASN A 105 -13.45 -6.72 8.73
C ASN A 105 -13.01 -6.93 10.21
N PRO A 106 -11.75 -7.17 10.44
CA PRO A 106 -10.69 -7.33 9.40
C PRO A 106 -10.83 -8.72 8.73
N ILE A 107 -10.24 -8.82 7.54
CA ILE A 107 -10.22 -10.08 6.81
C ILE A 107 -9.22 -11.04 7.37
N GLU A 108 -8.21 -10.54 8.03
CA GLU A 108 -7.18 -11.30 8.75
C GLU A 108 -7.31 -10.95 10.22
N PRO A 109 -7.41 -11.94 11.12
CA PRO A 109 -7.74 -11.57 12.49
C PRO A 109 -6.69 -10.78 13.26
N GLN A 110 -7.17 -10.11 14.30
CA GLN A 110 -6.30 -9.55 15.27
C GLN A 110 -5.39 -10.62 15.85
N PRO A 111 -4.08 -10.36 15.95
CA PRO A 111 -3.19 -11.34 16.59
C PRO A 111 -3.53 -11.58 18.05
N PRO A 112 -3.05 -12.69 18.62
CA PRO A 112 -3.47 -13.00 20.04
C PRO A 112 -2.72 -12.22 21.10
N SER A 113 -1.63 -11.59 20.71
CA SER A 113 -0.84 -10.77 21.59
C SER A 113 -0.09 -9.72 20.87
N THR A 114 0.45 -8.76 21.59
CA THR A 114 1.27 -7.68 21.06
C THR A 114 2.69 -8.08 20.63
N ARG A 115 3.05 -9.37 20.78
CA ARG A 115 4.30 -9.88 20.25
C ARG A 115 4.33 -9.80 18.73
N TYR A 116 3.15 -9.86 18.09
CA TYR A 116 3.00 -10.01 16.65
C TYR A 116 2.22 -8.85 16.06
N HIS A 117 2.48 -8.50 14.81
CA HIS A 117 1.55 -7.57 14.18
C HIS A 117 1.54 -7.79 12.69
N ASN A 118 0.45 -7.38 12.08
CA ASN A 118 0.28 -7.36 10.61
C ASN A 118 0.52 -5.93 10.13
N CYS A 119 0.74 -5.80 8.83
CA CYS A 119 0.98 -4.47 8.21
CA CYS A 119 1.13 -4.51 8.22
C CYS A 119 1.04 -4.59 6.70
N ASP A 120 1.00 -3.44 6.06
CA ASP A 120 1.52 -3.35 4.69
C ASP A 120 0.74 -4.16 3.68
N ALA A 121 -0.55 -3.96 3.53
CA ALA A 121 -1.35 -4.68 2.57
C ALA A 121 -1.15 -4.12 1.14
N ASP A 122 -1.27 -5.02 0.16
CA ASP A 122 -1.26 -4.69 -1.30
C ASP A 122 -2.05 -5.74 -2.03
N MET A 123 -2.92 -5.31 -2.97
CA MET A 123 -3.89 -6.23 -3.60
C MET A 123 -3.80 -6.05 -5.12
N VAL A 124 -3.93 -7.22 -5.76
CA VAL A 124 -3.92 -7.35 -7.21
CA VAL A 124 -3.97 -7.28 -7.24
C VAL A 124 -5.19 -8.02 -7.73
N TYR A 125 -5.70 -7.51 -8.84
CA TYR A 125 -6.72 -8.25 -9.60
C TYR A 125 -6.08 -9.24 -10.54
N ASN A 126 -6.46 -10.50 -10.39
CA ASN A 126 -5.99 -11.60 -11.23
C ASN A 126 -7.10 -11.85 -12.31
N ALA A 127 -6.83 -11.38 -13.50
CA ALA A 127 -7.85 -11.50 -14.58
C ALA A 127 -8.11 -12.93 -14.95
N GLU A 128 -7.09 -13.77 -15.00
CA GLU A 128 -7.30 -15.13 -15.41
C GLU A 128 -8.25 -15.91 -14.49
N TYR A 129 -8.22 -15.60 -13.20
CA TYR A 129 -9.02 -16.27 -12.24
C TYR A 129 -10.26 -15.41 -11.85
N ASP A 130 -10.36 -14.18 -12.35
CA ASP A 130 -11.34 -13.18 -12.00
C ASP A 130 -11.47 -13.07 -10.44
N ALA A 131 -10.34 -12.85 -9.82
CA ALA A 131 -10.21 -12.95 -8.34
C ALA A 131 -9.25 -11.88 -7.87
N MET A 132 -9.45 -11.36 -6.67
CA MET A 132 -8.49 -10.50 -5.99
C MET A 132 -7.56 -11.31 -5.12
N MET A 133 -6.28 -10.82 -5.11
CA MET A 133 -5.21 -11.44 -4.32
C MET A 133 -4.69 -10.34 -3.34
N ALA A 134 -5.01 -10.52 -2.05
CA ALA A 134 -4.65 -9.53 -1.08
C ALA A 134 -3.43 -10.07 -0.24
N TYR A 135 -2.31 -9.35 -0.36
CA TYR A 135 -1.07 -9.68 0.35
C TYR A 135 -0.91 -8.79 1.56
N TRP A 136 -0.17 -9.24 2.55
CA TRP A 136 0.25 -8.36 3.66
C TRP A 136 1.49 -8.98 4.30
N ASN A 137 2.05 -8.24 5.26
CA ASN A 137 3.23 -8.66 6.01
C ASN A 137 2.86 -8.96 7.43
N TRP A 138 3.25 -10.09 7.94
CA TRP A 138 3.07 -10.50 9.28
C TRP A 138 4.44 -10.61 9.97
N ALA A 139 4.60 -10.06 11.17
CA ALA A 139 5.91 -10.14 11.85
C ALA A 139 5.72 -10.67 13.27
N ASP A 140 6.64 -11.52 13.67
CA ASP A 140 6.97 -11.76 15.05
C ASP A 140 7.97 -10.71 15.48
N ASP A 141 7.51 -9.72 16.25
CA ASP A 141 8.41 -8.64 16.54
C ASP A 141 9.46 -8.95 17.59
N GLN A 142 9.37 -10.12 18.23
CA GLN A 142 10.36 -10.47 19.25
C GLN A 142 11.71 -10.78 18.66
N GLY A 143 12.75 -10.11 19.06
CA GLY A 143 14.07 -10.44 18.68
C GLY A 143 14.42 -11.87 19.07
N GLY A 144 14.99 -12.55 18.09
CA GLY A 144 15.30 -13.99 18.22
C GLY A 144 14.08 -14.94 17.99
N GLY A 145 12.94 -14.30 17.65
CA GLY A 145 11.73 -14.99 17.21
C GLY A 145 11.84 -15.60 15.81
N VAL A 146 10.66 -15.89 15.24
CA VAL A 146 10.59 -16.61 14.00
C VAL A 146 10.76 -15.78 12.70
N GLY A 147 10.82 -14.46 12.84
CA GLY A 147 10.92 -13.57 11.71
C GLY A 147 9.60 -13.04 11.22
N ALA A 148 9.40 -13.10 9.90
CA ALA A 148 8.21 -12.53 9.29
C ALA A 148 7.80 -13.34 8.08
N GLU A 149 6.61 -13.02 7.57
CA GLU A 149 6.08 -13.65 6.40
C GLU A 149 5.32 -12.61 5.55
N VAL A 150 5.32 -12.83 4.24
CA VAL A 150 4.29 -12.25 3.34
C VAL A 150 3.20 -13.27 3.19
N ARG A 151 1.98 -12.91 3.56
CA ARG A 151 0.79 -13.79 3.54
C ARG A 151 -0.19 -13.26 2.50
N LEU A 152 -1.13 -14.15 2.17
CA LEU A 152 -2.05 -13.96 1.03
C LEU A 152 -3.41 -14.55 1.34
N ARG A 153 -4.43 -13.75 1.06
CA ARG A 153 -5.83 -14.27 1.03
C ARG A 153 -6.40 -13.84 -0.32
N ILE A 154 -7.21 -14.76 -0.91
CA ILE A 154 -7.80 -14.55 -2.24
C ILE A 154 -9.33 -14.51 -2.09
N SER A 155 -9.98 -13.72 -2.97
CA SER A 155 -11.43 -13.71 -2.96
C SER A 155 -11.96 -13.76 -4.40
N TYR A 156 -13.06 -14.53 -4.56
CA TYR A 156 -13.86 -14.54 -5.73
C TYR A 156 -15.07 -13.59 -5.71
N ASP A 157 -15.64 -13.44 -4.52
CA ASP A 157 -16.93 -12.76 -4.37
C ASP A 157 -16.86 -11.44 -3.67
N GLY A 158 -15.68 -11.03 -3.22
CA GLY A 158 -15.46 -9.73 -2.54
C GLY A 158 -15.80 -9.72 -1.07
N VAL A 159 -16.44 -10.83 -0.62
CA VAL A 159 -16.95 -10.96 0.73
C VAL A 159 -16.13 -11.90 1.61
N HIS A 160 -15.76 -13.07 1.01
CA HIS A 160 -14.99 -14.09 1.68
C HIS A 160 -13.55 -14.12 1.12
N TRP A 161 -12.58 -14.01 2.04
CA TRP A 161 -11.20 -13.87 1.65
C TRP A 161 -10.36 -14.95 2.35
N GLY A 162 -9.69 -15.79 1.54
CA GLY A 162 -9.01 -16.92 2.14
C GLY A 162 -8.30 -17.78 1.10
N VAL A 163 -8.43 -19.07 1.30
CA VAL A 163 -7.72 -20.06 0.49
C VAL A 163 -8.68 -20.73 -0.49
N PRO A 164 -8.43 -20.57 -1.78
CA PRO A 164 -9.39 -21.19 -2.77
C PRO A 164 -9.57 -22.67 -2.50
N VAL A 165 -10.78 -23.14 -2.75
CA VAL A 165 -11.03 -24.55 -2.56
C VAL A 165 -10.39 -25.43 -3.63
N THR A 166 -9.93 -24.82 -4.76
CA THR A 166 -9.18 -25.55 -5.76
C THR A 166 -7.68 -25.27 -5.70
N TYR A 167 -7.23 -24.67 -4.56
CA TYR A 167 -5.82 -24.59 -4.26
C TYR A 167 -5.40 -25.82 -3.46
N ASP A 168 -4.33 -26.45 -3.92
CA ASP A 168 -3.80 -27.65 -3.28
C ASP A 168 -2.57 -27.30 -2.49
N GLU A 169 -2.70 -27.33 -1.14
CA GLU A 169 -1.58 -26.94 -0.30
C GLU A 169 -0.32 -27.79 -0.48
N MET A 170 -0.52 -29.03 -0.96
CA MET A 170 0.63 -29.93 -1.15
C MET A 170 1.52 -29.58 -2.29
N THR A 171 0.91 -29.15 -3.38
CA THR A 171 1.63 -28.73 -4.55
C THR A 171 1.83 -27.20 -4.67
N ARG A 172 1.03 -26.44 -3.88
CA ARG A 172 0.93 -24.97 -4.00
C ARG A 172 0.41 -24.54 -5.32
N VAL A 173 -0.40 -25.42 -5.97
CA VAL A 173 -1.05 -25.03 -7.23
C VAL A 173 -2.48 -24.60 -7.03
N TRP A 174 -2.77 -23.40 -7.54
CA TRP A 174 -4.13 -22.88 -7.60
C TRP A 174 -4.75 -23.27 -8.92
N SER A 175 -5.58 -24.27 -8.94
CA SER A 175 -6.21 -24.69 -10.17
C SER A 175 -7.40 -23.80 -10.52
N LYS A 176 -7.53 -23.49 -11.79
CA LYS A 176 -8.62 -22.63 -12.18
C LYS A 176 -9.96 -23.35 -11.86
N PRO A 177 -10.92 -22.61 -11.29
CA PRO A 177 -12.23 -23.17 -11.08
C PRO A 177 -12.90 -23.61 -12.37
N THR A 178 -13.68 -24.67 -12.29
CA THR A 178 -14.32 -25.13 -13.52
C THR A 178 -15.81 -25.05 -13.38
N SER A 179 -16.32 -24.43 -12.31
CA SER A 179 -17.73 -24.18 -12.08
C SER A 179 -17.83 -23.05 -11.16
N ASP A 180 -19.04 -22.50 -11.09
CA ASP A 180 -19.31 -21.48 -10.04
C ASP A 180 -19.13 -21.99 -8.65
N ALA A 181 -19.51 -23.26 -8.36
CA ALA A 181 -19.33 -23.84 -7.05
C ALA A 181 -17.85 -23.91 -6.67
N GLU A 182 -16.91 -23.98 -7.63
CA GLU A 182 -15.52 -23.98 -7.29
C GLU A 182 -14.96 -22.59 -7.06
N ARG A 183 -15.73 -21.55 -7.32
CA ARG A 183 -15.33 -20.15 -7.03
C ARG A 183 -15.71 -19.81 -5.61
N GLN A 184 -15.10 -20.56 -4.69
CA GLN A 184 -15.27 -20.37 -3.24
C GLN A 184 -13.92 -20.52 -2.55
N VAL A 185 -13.86 -19.99 -1.36
CA VAL A 185 -12.68 -20.05 -0.49
C VAL A 185 -13.04 -20.56 0.87
N ALA A 186 -12.04 -21.05 1.60
CA ALA A 186 -12.10 -21.21 3.03
C ALA A 186 -11.62 -19.89 3.62
N ASP A 187 -12.40 -19.29 4.51
CA ASP A 187 -12.04 -18.03 5.02
C ASP A 187 -11.97 -17.87 6.55
N GLY A 188 -11.61 -18.97 7.21
CA GLY A 188 -11.40 -18.92 8.65
C GLY A 188 -10.14 -18.21 9.04
N GLU A 189 -9.96 -18.12 10.36
CA GLU A 189 -8.83 -17.43 10.89
C GLU A 189 -7.53 -17.92 10.43
N ASP A 190 -7.37 -19.22 10.15
CA ASP A 190 -6.10 -19.79 9.74
C ASP A 190 -5.97 -19.99 8.24
N ASP A 191 -6.98 -19.50 7.52
CA ASP A 191 -7.06 -19.71 6.08
C ASP A 191 -6.37 -18.65 5.26
N PHE A 192 -5.03 -18.69 5.28
CA PHE A 192 -4.19 -17.86 4.44
C PHE A 192 -3.11 -18.71 3.83
N ILE A 193 -2.43 -18.19 2.85
CA ILE A 193 -1.23 -18.77 2.24
C ILE A 193 -0.02 -17.98 2.70
N THR A 194 1.06 -18.71 3.07
CA THR A 194 2.36 -18.10 3.29
C THR A 194 3.04 -17.99 1.94
N ALA A 195 3.19 -16.80 1.37
CA ALA A 195 3.86 -16.55 0.09
C ALA A 195 5.35 -16.59 0.27
N ILE A 196 5.90 -15.93 1.30
CA ILE A 196 7.34 -15.82 1.56
C ILE A 196 7.53 -15.85 3.03
N ALA A 197 8.64 -16.52 3.49
CA ALA A 197 9.03 -16.44 4.90
C ALA A 197 10.47 -15.96 4.97
N SER A 198 10.81 -15.24 6.05
CA SER A 198 12.21 -14.89 6.31
C SER A 198 12.46 -15.01 7.77
N PRO A 199 13.71 -15.40 8.15
CA PRO A 199 14.04 -15.46 9.55
C PRO A 199 14.30 -14.06 10.19
N ASP A 200 14.51 -13.03 9.37
CA ASP A 200 14.68 -11.65 9.89
C ASP A 200 13.30 -11.04 9.98
N ARG A 201 13.18 -10.04 10.81
CA ARG A 201 11.81 -9.48 11.07
C ARG A 201 11.35 -8.44 10.06
N TYR A 202 12.25 -7.69 9.36
CA TYR A 202 11.89 -6.48 8.71
C TYR A 202 12.52 -6.34 7.36
N ASP A 203 12.70 -7.47 6.65
CA ASP A 203 13.41 -7.43 5.36
C ASP A 203 12.54 -7.60 4.15
N MET A 204 11.20 -7.50 4.32
CA MET A 204 10.25 -7.60 3.21
C MET A 204 9.10 -6.59 3.38
N LEU A 205 9.43 -5.35 3.78
CA LEU A 205 8.42 -4.36 4.06
C LEU A 205 7.71 -3.87 2.82
N SER A 206 6.44 -3.53 3.02
CA SER A 206 5.63 -2.92 1.96
C SER A 206 5.69 -3.69 0.59
N PRO A 207 5.40 -4.99 0.68
CA PRO A 207 5.34 -5.72 -0.63
C PRO A 207 4.38 -5.12 -1.61
N THR A 208 4.74 -5.00 -2.86
CA THR A 208 3.86 -4.44 -3.86
C THR A 208 3.98 -5.33 -5.07
N ILE A 209 2.85 -5.77 -5.63
CA ILE A 209 2.79 -6.76 -6.70
C ILE A 209 2.21 -6.21 -7.97
N VAL A 210 2.80 -6.57 -9.09
CA VAL A 210 2.32 -6.28 -10.44
C VAL A 210 2.46 -7.54 -11.26
N TYR A 211 1.43 -7.81 -12.08
CA TYR A 211 1.55 -8.80 -13.17
C TYR A 211 2.08 -8.18 -14.39
N ASP A 212 3.30 -8.64 -14.81
CA ASP A 212 3.93 -8.21 -16.04
C ASP A 212 3.36 -9.10 -17.22
N ASP A 213 2.51 -8.52 -18.02
CA ASP A 213 1.88 -9.21 -19.14
C ASP A 213 2.76 -9.33 -20.38
N PHE A 214 3.97 -8.77 -20.35
CA PHE A 214 4.92 -8.96 -21.45
C PHE A 214 5.67 -10.29 -21.23
N ARG A 215 6.45 -10.36 -20.17
CA ARG A 215 7.18 -11.57 -19.77
C ARG A 215 6.26 -12.65 -19.23
N ASP A 216 5.06 -12.28 -18.73
CA ASP A 216 4.09 -13.16 -18.15
C ASP A 216 4.60 -13.77 -16.86
N VAL A 217 4.73 -12.84 -15.87
CA VAL A 217 5.30 -13.20 -14.55
C VAL A 217 4.72 -12.18 -13.50
N PHE A 218 4.46 -12.65 -12.32
CA PHE A 218 4.20 -11.74 -11.21
C PHE A 218 5.52 -11.21 -10.64
N ILE A 219 5.54 -9.96 -10.24
CA ILE A 219 6.68 -9.31 -9.64
C ILE A 219 6.27 -8.74 -8.32
N LEU A 220 7.10 -8.92 -7.29
CA LEU A 220 6.85 -8.36 -5.96
C LEU A 220 8.09 -7.57 -5.56
N TRP A 221 7.94 -6.27 -5.26
CA TRP A 221 9.01 -5.45 -4.72
C TRP A 221 8.77 -5.21 -3.23
N ALA A 222 9.84 -5.25 -2.46
CA ALA A 222 9.73 -5.04 -1.03
C ALA A 222 10.98 -4.32 -0.53
N ASN A 223 10.88 -3.65 0.63
CA ASN A 223 12.03 -2.93 1.21
C ASN A 223 12.69 -3.77 2.27
N ASN A 224 14.02 -3.99 2.08
CA ASN A 224 14.85 -4.80 3.02
C ASN A 224 15.46 -3.87 4.07
N THR A 225 14.91 -3.92 5.28
CA THR A 225 15.46 -3.16 6.41
C THR A 225 16.09 -4.14 7.39
N GLY A 226 16.45 -5.29 6.90
CA GLY A 226 17.11 -6.31 7.71
C GLY A 226 16.28 -6.78 8.88
N ASP A 227 16.97 -6.94 10.02
CA ASP A 227 16.32 -7.24 11.27
C ASP A 227 16.16 -5.96 12.14
N VAL A 228 16.21 -4.80 11.49
CA VAL A 228 16.26 -3.53 12.26
C VAL A 228 14.95 -2.72 12.13
N GLY A 229 14.49 -2.46 10.90
CA GLY A 229 13.22 -1.78 10.78
C GLY A 229 13.36 -0.27 10.58
N TYR A 230 12.54 0.47 11.34
CA TYR A 230 12.35 1.93 11.13
C TYR A 230 13.65 2.74 11.21
N GLN A 231 14.56 2.30 12.15
CA GLN A 231 15.85 3.05 12.29
C GLN A 231 16.98 2.54 11.40
N ASN A 232 16.71 1.60 10.52
CA ASN A 232 17.74 1.12 9.59
C ASN A 232 18.18 2.23 8.66
N GLY A 233 17.25 3.07 8.24
CA GLY A 233 17.62 4.27 7.51
C GLY A 233 18.22 4.10 6.17
N GLN A 234 19.37 4.78 5.94
CA GLN A 234 20.06 4.83 4.65
C GLN A 234 20.66 3.47 4.26
N ALA A 235 20.62 2.45 5.15
CA ALA A 235 20.99 1.09 4.81
C ALA A 235 19.90 0.31 4.12
N ASN A 236 18.68 0.89 4.02
CA ASN A 236 17.55 0.23 3.38
C ASN A 236 17.82 0.06 1.88
N PHE A 237 17.24 -1.02 1.30
CA PHE A 237 17.31 -1.22 -0.17
C PHE A 237 16.13 -2.13 -0.58
N VAL A 238 15.65 -1.87 -1.80
CA VAL A 238 14.53 -2.64 -2.36
C VAL A 238 15.02 -3.85 -3.15
N GLU A 239 14.31 -4.93 -2.94
CA GLU A 239 14.53 -6.20 -3.67
C GLU A 239 13.29 -6.54 -4.41
N MET A 240 13.42 -7.18 -5.59
CA MET A 240 12.31 -7.77 -6.33
C MET A 240 12.43 -9.28 -6.34
N ARG A 241 11.26 -9.93 -6.48
CA ARG A 241 11.13 -11.34 -6.64
C ARG A 241 10.13 -11.63 -7.77
N TYR A 242 10.29 -12.78 -8.42
CA TYR A 242 9.45 -13.22 -9.48
C TYR A 242 8.66 -14.46 -9.08
N SER A 243 7.48 -14.63 -9.70
CA SER A 243 6.63 -15.77 -9.43
C SER A 243 5.78 -16.08 -10.69
N ASP A 244 5.62 -17.33 -11.07
CA ASP A 244 4.70 -17.68 -12.12
C ASP A 244 3.24 -17.46 -11.80
N ASP A 245 2.87 -17.52 -10.53
CA ASP A 245 1.48 -17.55 -10.11
C ASP A 245 1.12 -16.56 -9.02
N GLY A 246 2.10 -15.91 -8.40
CA GLY A 246 1.80 -15.00 -7.32
C GLY A 246 1.86 -15.69 -5.94
N ILE A 247 2.09 -16.97 -5.89
CA ILE A 247 1.97 -17.81 -4.70
C ILE A 247 3.38 -18.27 -4.22
N THR A 248 4.17 -18.85 -5.14
CA THR A 248 5.53 -19.30 -4.90
C THR A 248 6.53 -18.41 -5.60
N TRP A 249 7.51 -17.89 -4.83
CA TRP A 249 8.38 -16.85 -5.29
C TRP A 249 9.85 -17.30 -5.34
N GLY A 250 10.56 -16.72 -6.33
CA GLY A 250 11.99 -16.98 -6.42
C GLY A 250 12.82 -16.14 -5.54
N GLU A 251 14.13 -16.31 -5.69
CA GLU A 251 15.11 -15.58 -4.85
C GLU A 251 15.09 -14.08 -5.19
N PRO A 252 15.34 -13.30 -4.13
CA PRO A 252 15.33 -11.83 -4.37
C PRO A 252 16.56 -11.39 -5.16
N VAL A 253 16.37 -10.32 -5.93
CA VAL A 253 17.43 -9.57 -6.43
C VAL A 253 17.27 -8.07 -6.28
N ARG A 254 18.35 -7.41 -6.02
CA ARG A 254 18.29 -6.00 -5.76
C ARG A 254 17.94 -5.28 -7.03
N VAL A 255 17.03 -4.29 -6.92
CA VAL A 255 16.76 -3.32 -8.01
C VAL A 255 17.91 -2.33 -8.02
N ASN A 256 18.05 -1.65 -9.13
CA ASN A 256 19.10 -0.64 -9.32
C ASN A 256 18.51 0.73 -9.52
N GLY A 257 19.13 1.75 -8.99
CA GLY A 257 18.72 3.11 -9.30
C GLY A 257 17.38 3.49 -8.69
N PHE A 258 16.89 2.83 -7.69
CA PHE A 258 15.50 3.03 -7.23
C PHE A 258 15.22 4.45 -6.92
N LEU A 259 16.06 5.11 -6.16
CA LEU A 259 15.90 6.50 -5.80
C LEU A 259 17.20 7.28 -6.06
N GLY A 260 17.11 8.55 -6.22
CA GLY A 260 18.21 9.42 -6.50
C GLY A 260 18.42 10.50 -5.45
N LEU A 261 18.91 11.63 -5.99
CA LEU A 261 19.19 12.77 -5.12
C LEU A 261 17.97 13.69 -4.98
N ASP A 262 17.89 14.33 -3.80
CA ASP A 262 16.87 15.32 -3.57
C ASP A 262 17.36 16.72 -3.97
N GLU A 263 16.58 17.75 -3.62
CA GLU A 263 16.93 19.11 -4.09
C GLU A 263 18.19 19.70 -3.45
N ASN A 264 18.68 19.05 -2.38
CA ASN A 264 19.98 19.36 -1.79
C ASN A 264 21.09 18.45 -2.29
N GLY A 265 20.82 17.63 -3.25
CA GLY A 265 21.82 16.72 -3.68
C GLY A 265 22.10 15.57 -2.78
N GLN A 266 21.15 15.20 -1.89
CA GLN A 266 21.33 14.20 -0.82
C GLN A 266 20.57 12.94 -1.28
N GLN A 267 21.18 11.74 -1.05
CA GLN A 267 20.55 10.49 -1.48
C GLN A 267 19.31 10.20 -0.66
N LEU A 268 18.30 9.70 -1.37
CA LEU A 268 17.06 9.25 -0.72
C LEU A 268 17.08 7.75 -0.53
N ALA A 269 16.45 7.29 0.54
CA ALA A 269 16.35 5.90 0.88
C ALA A 269 14.89 5.48 0.98
N PRO A 270 14.58 4.23 0.64
CA PRO A 270 13.21 3.78 0.62
C PRO A 270 12.72 3.47 2.04
N TRP A 271 11.39 3.69 2.22
CA TRP A 271 10.65 3.10 3.33
C TRP A 271 9.56 2.17 2.87
N HIS A 272 8.57 2.68 2.13
CA HIS A 272 7.41 1.93 1.68
C HIS A 272 7.14 2.36 0.23
N GLN A 273 6.42 1.53 -0.54
CA GLN A 273 6.26 1.82 -1.98
C GLN A 273 5.07 1.06 -2.58
N ASP A 274 4.59 1.63 -3.71
CA ASP A 274 3.56 0.98 -4.55
C ASP A 274 4.09 1.13 -5.97
N VAL A 275 3.91 0.05 -6.71
CA VAL A 275 4.33 0.00 -8.16
C VAL A 275 3.12 -0.31 -9.04
N GLN A 276 3.09 0.30 -10.24
CA GLN A 276 2.14 -0.05 -11.29
C GLN A 276 2.89 -0.22 -12.61
N TYR A 277 2.45 -1.20 -13.42
CA TYR A 277 2.79 -1.14 -14.84
C TYR A 277 1.71 -0.19 -15.51
N VAL A 278 2.17 0.76 -16.29
CA VAL A 278 1.27 1.74 -16.92
C VAL A 278 1.37 1.54 -18.42
N PRO A 279 0.42 0.83 -19.03
CA PRO A 279 0.46 0.57 -20.46
C PRO A 279 0.64 1.83 -21.35
N ASP A 280 -0.08 2.90 -20.97
CA ASP A 280 -0.01 4.15 -21.78
C ASP A 280 1.35 4.76 -21.84
N LEU A 281 2.20 4.50 -20.81
CA LEU A 281 3.55 4.99 -20.72
C LEU A 281 4.58 3.99 -21.06
N LYS A 282 4.22 2.76 -21.31
CA LYS A 282 5.15 1.67 -21.66
C LYS A 282 6.20 1.53 -20.58
N GLU A 283 5.84 1.67 -19.30
CA GLU A 283 6.80 1.57 -18.21
C GLU A 283 6.17 1.27 -16.91
N PHE A 284 7.01 0.79 -15.98
CA PHE A 284 6.65 0.69 -14.58
C PHE A 284 6.85 2.07 -13.92
N VAL A 285 5.89 2.38 -13.03
CA VAL A 285 5.89 3.61 -12.27
C VAL A 285 5.74 3.28 -10.83
N CYS A 286 6.55 3.98 -9.97
CA CYS A 286 6.49 3.71 -8.53
C CYS A 286 6.43 5.05 -7.77
N ILE A 287 5.52 5.01 -6.78
CA ILE A 287 5.50 6.07 -5.78
C ILE A 287 6.14 5.50 -4.54
N SER A 288 7.26 6.13 -4.16
CA SER A 288 8.08 5.72 -3.01
C SER A 288 7.93 6.71 -1.85
N GLN A 289 7.53 6.21 -0.70
CA GLN A 289 7.64 6.98 0.53
C GLN A 289 9.08 6.79 0.99
N CYS A 290 9.83 7.91 1.05
CA CYS A 290 11.27 7.89 1.16
C CYS A 290 11.77 9.01 2.01
N PHE A 291 13.07 9.08 2.26
CA PHE A 291 13.64 10.01 3.23
C PHE A 291 15.11 10.21 2.98
N ALA A 292 15.62 11.37 3.35
CA ALA A 292 17.08 11.66 3.23
C ALA A 292 17.81 11.57 4.55
N GLY A 293 17.09 11.48 5.66
CA GLY A 293 17.76 11.42 6.96
C GLY A 293 17.92 10.02 7.55
N ARG A 294 17.88 9.95 8.87
CA ARG A 294 18.22 8.73 9.58
C ARG A 294 17.06 7.70 9.61
N ASN A 295 15.82 8.21 9.40
CA ASN A 295 14.65 7.37 9.45
C ASN A 295 13.50 8.05 8.66
N PRO A 296 12.37 7.34 8.54
CA PRO A 296 11.24 7.96 7.79
C PRO A 296 10.48 9.09 8.45
N ASP A 297 10.92 9.61 9.59
CA ASP A 297 10.24 10.80 10.11
C ASP A 297 10.30 11.92 9.14
N GLY A 298 9.14 12.58 8.91
CA GLY A 298 9.11 13.65 7.87
C GLY A 298 9.18 13.18 6.45
N SER A 299 8.92 11.87 6.22
CA SER A 299 9.01 11.37 4.84
C SER A 299 8.12 12.04 3.86
N VAL A 300 8.58 11.98 2.63
CA VAL A 300 7.92 12.54 1.49
C VAL A 300 7.69 11.41 0.46
N LEU A 301 6.91 11.71 -0.60
CA LEU A 301 6.85 10.78 -1.73
C LEU A 301 7.76 11.36 -2.83
N HIS A 302 8.41 10.39 -3.53
CA HIS A 302 9.09 10.63 -4.79
C HIS A 302 8.52 9.66 -5.90
N LEU A 303 8.70 10.08 -7.13
CA LEU A 303 8.32 9.25 -8.26
C LEU A 303 9.58 8.65 -8.90
N THR A 304 9.49 7.37 -9.29
CA THR A 304 10.62 6.73 -9.95
C THR A 304 10.02 5.80 -11.02
N THR A 305 10.70 5.62 -12.14
CA THR A 305 10.18 4.84 -13.22
C THR A 305 11.21 3.86 -13.76
N SER A 306 10.73 2.87 -14.52
CA SER A 306 11.60 1.81 -15.06
C SER A 306 10.97 1.14 -16.23
N LYS A 307 11.77 0.83 -17.28
CA LYS A 307 11.27 0.09 -18.40
C LYS A 307 11.03 -1.37 -18.09
N ASP A 308 11.79 -1.94 -17.12
CA ASP A 308 11.85 -3.36 -16.85
C ASP A 308 11.50 -3.83 -15.54
N GLY A 309 11.30 -2.91 -14.57
CA GLY A 309 11.07 -3.29 -13.20
C GLY A 309 12.30 -3.42 -12.34
N VAL A 310 13.47 -3.53 -13.03
CA VAL A 310 14.76 -3.78 -12.42
C VAL A 310 15.61 -2.56 -12.21
N ASN A 311 15.69 -1.77 -13.30
CA ASN A 311 16.56 -0.59 -13.38
C ASN A 311 15.73 0.65 -13.43
N TRP A 312 15.88 1.49 -12.43
CA TRP A 312 15.01 2.63 -12.22
C TRP A 312 15.71 3.96 -12.36
N GLU A 313 14.92 5.01 -12.47
CA GLU A 313 15.46 6.38 -12.38
C GLU A 313 14.39 7.25 -11.76
N GLN A 314 14.78 7.97 -10.74
CA GLN A 314 13.91 8.94 -10.11
C GLN A 314 13.60 10.03 -11.07
N VAL A 315 12.32 10.53 -11.02
CA VAL A 315 11.89 11.66 -11.89
C VAL A 315 12.14 12.98 -11.12
N GLY A 316 13.13 13.74 -11.55
CA GLY A 316 13.47 15.01 -10.97
C GLY A 316 14.15 14.90 -9.59
N THR A 317 14.41 16.01 -8.96
CA THR A 317 14.90 16.13 -7.65
C THR A 317 13.82 16.39 -6.59
N LYS A 318 12.64 16.89 -7.10
CA LYS A 318 11.63 17.42 -6.29
C LYS A 318 10.68 16.33 -5.74
N PRO A 319 10.10 16.52 -4.57
CA PRO A 319 9.09 15.57 -4.05
C PRO A 319 7.82 15.62 -4.84
N LEU A 320 7.23 14.44 -4.98
CA LEU A 320 5.89 14.33 -5.50
C LEU A 320 4.86 14.80 -4.48
N LEU A 321 5.04 14.61 -3.21
CA LEU A 321 4.05 15.01 -2.21
C LEU A 321 4.84 15.21 -0.93
N SER A 322 4.47 16.27 -0.15
CA SER A 322 5.13 16.58 1.07
C SER A 322 4.11 16.76 2.21
N PRO A 323 4.54 16.71 3.45
CA PRO A 323 3.63 17.02 4.57
C PRO A 323 3.00 18.39 4.40
N GLY A 324 1.76 18.49 4.89
CA GLY A 324 1.06 19.76 4.91
C GLY A 324 1.61 20.71 5.97
N PRO A 325 1.07 21.91 6.05
CA PRO A 325 1.53 22.91 7.01
C PRO A 325 1.15 22.49 8.43
N ASP A 326 1.85 23.05 9.40
CA ASP A 326 1.58 22.74 10.83
C ASP A 326 0.13 22.83 11.12
N GLY A 327 -0.35 21.80 11.77
CA GLY A 327 -1.71 21.69 12.15
C GLY A 327 -2.62 20.94 11.26
N SER A 328 -2.15 20.64 10.06
CA SER A 328 -2.95 19.88 9.06
C SER A 328 -2.91 18.40 9.42
N TRP A 329 -3.87 17.63 8.90
CA TRP A 329 -3.94 16.19 9.21
C TRP A 329 -2.74 15.41 8.64
N ASP A 330 -2.03 16.01 7.68
CA ASP A 330 -0.86 15.37 7.04
C ASP A 330 0.42 16.13 7.38
N ASP A 331 0.54 16.78 8.54
CA ASP A 331 1.69 17.63 8.82
C ASP A 331 2.93 16.93 9.37
N PHE A 332 2.87 15.63 9.69
CA PHE A 332 4.07 14.92 10.19
C PHE A 332 4.87 14.29 9.10
N GLN A 333 4.22 13.46 8.31
CA GLN A 333 4.89 12.74 7.22
C GLN A 333 3.85 12.29 6.22
N ILE A 334 4.28 12.11 4.96
CA ILE A 334 3.47 11.35 4.05
C ILE A 334 3.84 9.91 4.16
N TYR A 335 2.84 9.05 4.31
CA TYR A 335 3.04 7.62 4.51
C TYR A 335 2.71 6.87 3.20
N ARG A 336 2.69 5.54 3.26
CA ARG A 336 2.58 4.78 2.06
C ARG A 336 1.36 5.09 1.26
N SER A 337 1.51 5.22 -0.04
CA SER A 337 0.46 5.70 -0.92
C SER A 337 0.25 4.73 -2.06
N SER A 338 -0.94 4.67 -2.62
CA SER A 338 -1.30 3.83 -3.76
C SER A 338 -1.78 4.70 -4.89
N PHE A 339 -1.60 4.28 -6.12
CA PHE A 339 -2.03 5.13 -7.23
C PHE A 339 -2.58 4.32 -8.37
N TYR A 340 -3.30 5.06 -9.21
CA TYR A 340 -3.75 4.52 -10.53
C TYR A 340 -3.51 5.62 -11.53
N TYR A 341 -2.87 5.27 -12.68
CA TYR A 341 -2.79 6.14 -13.84
C TYR A 341 -4.05 5.92 -14.68
N GLU A 342 -4.88 6.94 -14.74
CA GLU A 342 -6.14 6.86 -15.48
C GLU A 342 -5.86 7.41 -16.88
N PRO A 343 -5.95 6.53 -17.91
CA PRO A 343 -5.63 7.08 -19.27
C PRO A 343 -6.60 8.16 -19.67
N GLY A 344 -6.10 9.07 -20.48
CA GLY A 344 -6.90 10.12 -21.07
C GLY A 344 -7.43 9.73 -22.41
N SER A 345 -8.03 10.70 -23.07
CA SER A 345 -8.49 10.43 -24.45
C SER A 345 -7.37 10.42 -25.46
N SER A 346 -6.26 11.13 -25.19
CA SER A 346 -5.06 11.08 -25.98
C SER A 346 -3.99 10.26 -25.29
N ALA A 347 -3.13 9.65 -26.08
CA ALA A 347 -1.93 8.95 -25.56
C ALA A 347 -1.03 9.79 -24.77
N GLY A 348 -0.56 9.27 -23.65
CA GLY A 348 0.41 9.98 -22.83
C GLY A 348 -0.07 11.19 -22.07
N ASP A 349 -1.37 11.28 -21.86
CA ASP A 349 -1.98 12.45 -21.32
C ASP A 349 -2.97 12.05 -20.20
N GLY A 350 -2.60 11.16 -19.33
CA GLY A 350 -3.51 10.64 -18.35
C GLY A 350 -3.54 11.48 -17.05
N THR A 351 -4.24 10.88 -16.03
CA THR A 351 -4.39 11.54 -14.76
C THR A 351 -3.81 10.58 -13.68
N MET A 352 -2.94 11.18 -12.82
CA MET A 352 -2.37 10.45 -11.68
C MET A 352 -3.38 10.59 -10.53
N ARG A 353 -3.89 9.47 -10.06
CA ARG A 353 -4.86 9.37 -8.94
C ARG A 353 -4.15 8.75 -7.78
N VAL A 354 -4.01 9.45 -6.64
CA VAL A 354 -3.16 9.01 -5.56
C VAL A 354 -3.93 8.95 -4.29
N TRP A 355 -4.10 7.81 -3.68
CA TRP A 355 -4.67 7.61 -2.31
C TRP A 355 -3.50 7.58 -1.40
N TYR A 356 -3.29 8.69 -0.62
CA TYR A 356 -2.13 8.81 0.23
C TYR A 356 -2.46 8.68 1.67
N SER A 357 -1.69 7.94 2.43
CA SER A 357 -1.83 7.98 3.86
C SER A 357 -0.85 8.97 4.46
N ALA A 358 -1.18 9.46 5.65
CA ALA A 358 -0.33 10.45 6.31
C ALA A 358 -0.65 10.45 7.80
N LEU A 359 0.18 11.21 8.53
CA LEU A 359 0.01 11.36 9.99
C LEU A 359 0.11 12.84 10.35
N GLN A 360 -0.64 13.17 11.44
CA GLN A 360 -0.58 14.45 12.08
C GLN A 360 0.19 14.31 13.33
N LYS A 361 1.11 15.27 13.60
CA LYS A 361 1.94 15.28 14.82
C LYS A 361 1.24 15.95 16.03
N ASP A 362 1.72 15.55 17.20
CA ASP A 362 1.41 16.33 18.40
C ASP A 362 -0.05 16.43 18.73
N THR A 363 -0.76 15.31 18.59
CA THR A 363 -2.22 15.34 18.59
C THR A 363 -2.89 14.95 19.96
N ASN A 364 -2.12 14.64 20.98
CA ASN A 364 -2.78 14.05 22.20
C ASN A 364 -3.81 15.11 22.73
N ASN A 365 -5.05 14.61 22.96
CA ASN A 365 -6.14 15.46 23.55
C ASN A 365 -6.48 16.72 22.76
N LYS A 366 -6.11 16.79 21.49
CA LYS A 366 -6.30 17.96 20.66
C LYS A 366 -7.48 17.74 19.76
N MET A 367 -8.16 18.82 19.41
CA MET A 367 -9.15 18.76 18.32
C MET A 367 -8.47 18.62 16.98
N VAL A 368 -8.98 17.69 16.19
CA VAL A 368 -8.46 17.39 14.84
C VAL A 368 -9.62 17.34 13.85
N ALA A 369 -9.22 17.41 12.58
CA ALA A 369 -10.23 17.49 11.49
C ALA A 369 -10.92 16.18 11.23
N ASP A 370 -12.20 16.24 10.86
CA ASP A 370 -12.93 15.18 10.23
C ASP A 370 -12.65 15.09 8.75
N SER A 371 -13.31 14.15 8.05
CA SER A 371 -12.97 13.94 6.67
C SER A 371 -13.43 15.10 5.77
N SER A 372 -14.35 15.93 6.31
CA SER A 372 -14.81 17.11 5.61
C SER A 372 -13.96 18.36 5.86
N GLY A 373 -12.93 18.20 6.69
CA GLY A 373 -12.11 19.25 7.09
C GLY A 373 -12.68 20.15 8.19
N ASN A 374 -13.64 19.62 8.95
CA ASN A 374 -14.20 20.41 10.06
C ASN A 374 -13.62 19.91 11.37
N LEU A 375 -13.47 20.84 12.33
CA LEU A 375 -12.81 20.58 13.55
C LEU A 375 -13.69 19.92 14.58
N THR A 376 -14.04 18.61 14.42
CA THR A 376 -15.09 17.92 15.16
C THR A 376 -14.63 16.68 15.90
N ILE A 377 -13.34 16.30 15.76
CA ILE A 377 -12.85 15.09 16.35
C ILE A 377 -11.96 15.46 17.51
N GLN A 378 -12.25 14.82 18.64
CA GLN A 378 -11.35 14.90 19.75
C GLN A 378 -10.30 13.77 19.72
N ALA A 379 -9.05 14.11 19.42
CA ALA A 379 -7.99 13.12 19.59
C ALA A 379 -7.88 12.76 21.03
N LYS A 380 -7.47 11.50 21.34
CA LYS A 380 -7.49 10.98 22.68
C LYS A 380 -6.13 10.98 23.33
N SER A 381 -6.11 10.42 24.53
CA SER A 381 -4.96 10.60 25.37
C SER A 381 -3.65 9.90 24.84
N GLU A 382 -3.77 8.80 24.15
CA GLU A 382 -2.64 8.08 23.66
C GLU A 382 -2.50 8.28 22.16
N ASP A 383 -3.24 9.22 21.57
CA ASP A 383 -3.03 9.59 20.18
C ASP A 383 -1.86 10.57 20.07
N ASP A 384 -0.64 10.05 20.13
CA ASP A 384 0.51 10.87 19.97
C ASP A 384 0.58 11.56 18.61
N ARG A 385 0.01 10.80 17.61
CA ARG A 385 -0.21 11.24 16.25
C ARG A 385 -1.56 10.60 15.82
N ILE A 386 -2.06 11.07 14.69
CA ILE A 386 -3.30 10.53 14.13
C ILE A 386 -3.00 10.07 12.70
N TRP A 387 -3.50 8.88 12.38
CA TRP A 387 -3.30 8.22 11.08
C TRP A 387 -4.56 8.33 10.22
N ARG A 388 -4.46 8.86 9.00
CA ARG A 388 -5.58 8.86 8.08
C ARG A 388 -5.13 8.60 6.63
N ILE A 389 -6.13 8.39 5.77
CA ILE A 389 -5.94 8.23 4.32
C ILE A 389 -6.73 9.29 3.62
N GLY A 390 -6.06 10.00 2.71
CA GLY A 390 -6.66 11.01 1.85
C GLY A 390 -6.35 10.80 0.37
N TYR A 391 -6.42 11.88 -0.42
CA TYR A 391 -6.36 11.75 -1.84
C TYR A 391 -5.76 12.97 -2.45
N ALA A 392 -4.98 12.78 -3.55
CA ALA A 392 -4.42 13.84 -4.35
C ALA A 392 -4.44 13.43 -5.81
N GLU A 393 -4.34 14.43 -6.70
CA GLU A 393 -4.49 14.10 -8.10
C GLU A 393 -3.83 15.16 -8.95
N ASN A 394 -3.39 14.83 -10.16
CA ASN A 394 -3.02 15.87 -11.12
C ASN A 394 -2.99 15.18 -12.51
N SER A 395 -2.99 16.02 -13.55
CA SER A 395 -2.57 15.59 -14.86
C SER A 395 -1.15 15.00 -14.76
N PHE A 396 -0.94 13.90 -15.44
CA PHE A 396 0.42 13.31 -15.48
C PHE A 396 1.41 14.34 -16.08
N VAL A 397 1.03 15.05 -17.14
CA VAL A 397 1.96 15.99 -17.74
C VAL A 397 2.25 17.12 -16.77
N GLU A 398 1.21 17.68 -16.12
CA GLU A 398 1.50 18.78 -15.24
C GLU A 398 2.36 18.36 -14.03
N MET A 399 2.10 17.15 -13.55
CA MET A 399 2.91 16.59 -12.48
C MET A 399 4.39 16.54 -12.92
N MET A 400 4.63 15.96 -14.08
CA MET A 400 6.03 15.83 -14.62
C MET A 400 6.68 17.22 -14.78
N ARG A 401 5.92 18.19 -15.20
CA ARG A 401 6.46 19.56 -15.40
C ARG A 401 6.98 20.09 -14.04
N VAL A 402 6.21 19.85 -12.98
CA VAL A 402 6.64 20.30 -11.67
C VAL A 402 7.85 19.50 -11.22
N LEU A 403 7.81 18.16 -11.31
CA LEU A 403 8.92 17.37 -10.84
C LEU A 403 10.24 17.69 -11.50
N LEU A 404 10.18 17.95 -12.82
CA LEU A 404 11.35 18.17 -13.60
C LEU A 404 11.71 19.65 -13.72
N ASP A 405 10.93 20.52 -13.13
CA ASP A 405 11.11 21.98 -13.33
C ASP A 405 11.22 22.33 -14.79
N ASP A 406 10.30 21.78 -15.59
CA ASP A 406 10.34 21.94 -17.07
C ASP A 406 8.89 22.27 -17.48
N PRO A 407 8.61 23.61 -17.68
CA PRO A 407 7.29 24.04 -18.03
C PRO A 407 6.83 23.53 -19.40
N GLY A 408 7.75 23.01 -20.23
CA GLY A 408 7.35 22.50 -21.53
C GLY A 408 7.37 21.03 -21.72
N TYR A 409 7.55 20.26 -20.64
CA TYR A 409 7.59 18.78 -20.75
C TYR A 409 6.27 18.33 -21.37
N THR A 410 6.40 17.35 -22.26
CA THR A 410 5.31 16.58 -22.73
C THR A 410 5.79 15.14 -22.85
N THR A 411 4.89 14.19 -22.84
CA THR A 411 5.31 12.80 -22.80
C THR A 411 6.13 12.39 -24.07
#